data_3W5I
#
_entry.id   3W5I
#
_cell.length_a   100.683
_cell.length_b   112.533
_cell.length_c   97.866
_cell.angle_alpha   90.000
_cell.angle_beta   90.000
_cell.angle_gamma   90.000
#
_symmetry.space_group_name_H-M   'C 2 2 21'
#
loop_
_entity.id
_entity.type
_entity.pdbx_description
1 polymer 'Ferrous iron transport protein B'
2 non-polymer 'SULFATE ION'
3 water water
#
_entity_poly.entity_id   1
_entity_poly.type   'polypeptide(L)'
_entity_poly.pdbx_seq_one_letter_code
;GQFKRIALLGMPNTGKSTLFNRMTGGAARVGNWPGITVELLSGKILLGADMVEIIDLPGIYDLHGFSDDEQVVRHFLHDN
VPDLALVILNATQIERQMSLLLQLKQLNMNIVVLLNMSDEAKQYGITIDSRKMSELLQIPVFQLSGKYGTGYQEALQAVT
RALRYPTPGMAENVRTQLEQDEHIEAEMVRILKSAVQIPARLPE
;
_entity_poly.pdbx_strand_id   A,B
#
loop_
_chem_comp.id
_chem_comp.type
_chem_comp.name
_chem_comp.formula
SO4 non-polymer 'SULFATE ION' 'O4 S -2'
#
# COMPACT_ATOMS: atom_id res chain seq x y z
N GLY A 1 -5.16 22.19 32.57
CA GLY A 1 -4.45 22.44 31.28
C GLY A 1 -4.88 21.42 30.25
N GLN A 2 -4.16 21.38 29.12
CA GLN A 2 -4.47 20.46 28.02
C GLN A 2 -3.54 19.26 27.99
N PHE A 3 -4.05 18.15 27.48
CA PHE A 3 -3.25 16.95 27.19
C PHE A 3 -3.54 16.55 25.75
N LYS A 4 -2.48 16.43 24.96
CA LYS A 4 -2.61 16.11 23.55
C LYS A 4 -1.51 15.18 23.09
N ARG A 5 -1.74 14.54 21.96
CA ARG A 5 -0.79 13.58 21.39
C ARG A 5 -0.37 13.90 19.96
N ILE A 6 0.92 13.78 19.69
CA ILE A 6 1.49 13.92 18.37
C ILE A 6 1.96 12.53 17.91
N ALA A 7 1.54 12.11 16.72
CA ALA A 7 2.10 10.90 16.10
C ALA A 7 3.15 11.35 15.10
N LEU A 8 4.38 10.92 15.31
CA LEU A 8 5.47 11.14 14.38
C LEU A 8 5.39 10.07 13.29
N LEU A 9 5.14 10.49 12.06
CA LEU A 9 4.87 9.60 10.93
C LEU A 9 5.77 9.91 9.73
N GLY A 10 6.18 8.86 9.04
CA GLY A 10 6.85 9.00 7.75
C GLY A 10 7.24 7.64 7.20
N MET A 11 8.04 7.64 6.12
CA MET A 11 8.62 6.41 5.59
C MET A 11 9.87 6.06 6.41
N PRO A 12 10.39 4.82 6.27
CA PRO A 12 11.57 4.43 7.04
C PRO A 12 12.86 5.18 6.67
N ASN A 13 13.83 5.17 7.59
CA ASN A 13 15.16 5.73 7.35
C ASN A 13 15.11 7.16 6.86
N THR A 14 14.37 7.99 7.58
CA THR A 14 14.10 9.37 7.18
C THR A 14 14.59 10.37 8.24
N GLY A 15 15.35 9.88 9.23
CA GLY A 15 15.85 10.71 10.33
C GLY A 15 14.82 10.95 11.43
N LYS A 16 13.87 10.04 11.57
CA LYS A 16 12.73 10.23 12.47
C LYS A 16 13.14 10.13 13.93
N SER A 17 13.93 9.11 14.25
CA SER A 17 14.44 8.90 15.60
C SER A 17 15.16 10.12 16.13
N THR A 18 16.07 10.64 15.33
CA THR A 18 16.90 11.77 15.77
C THR A 18 16.02 12.96 16.13
N LEU A 19 15.09 13.30 15.23
CA LEU A 19 14.13 14.36 15.52
C LEU A 19 13.32 14.01 16.78
N PHE A 20 12.91 12.75 16.90
CA PHE A 20 12.17 12.29 18.07
C PHE A 20 12.96 12.50 19.37
N ASN A 21 14.21 12.05 19.39
CA ASN A 21 15.09 12.16 20.57
C ASN A 21 15.37 13.63 20.92
N ARG A 22 15.56 14.47 19.91
CA ARG A 22 15.68 15.90 20.15
C ARG A 22 14.41 16.47 20.78
N MET A 23 13.25 16.10 20.26
CA MET A 23 11.99 16.68 20.73
C MET A 23 11.64 16.24 22.15
N THR A 24 11.99 15.00 22.50
CA THR A 24 11.74 14.45 23.84
C THR A 24 12.98 14.50 24.75
N GLY A 25 14.01 15.24 24.35
CA GLY A 25 15.21 15.42 25.17
C GLY A 25 15.86 14.15 25.68
N GLY A 26 15.82 13.08 24.89
CA GLY A 26 16.44 11.80 25.24
C GLY A 26 15.66 10.96 26.25
N ALA A 27 14.58 11.51 26.80
CA ALA A 27 13.87 10.89 27.92
C ALA A 27 12.63 10.08 27.52
N ALA A 28 12.64 9.49 26.33
CA ALA A 28 11.53 8.65 25.89
C ALA A 28 11.62 7.28 26.57
N ARG A 29 10.47 6.67 26.82
CA ARG A 29 10.39 5.34 27.40
C ARG A 29 9.44 4.48 26.57
N VAL A 30 9.64 3.17 26.61
CA VAL A 30 8.76 2.24 25.89
C VAL A 30 7.46 2.07 26.67
N GLY A 31 6.40 1.72 25.96
CA GLY A 31 5.07 1.60 26.56
C GLY A 31 4.13 0.76 25.73
N ASN A 32 3.07 0.27 26.38
CA ASN A 32 2.06 -0.58 25.75
C ASN A 32 0.80 0.22 25.45
N TRP A 33 0.23 0.00 24.28
CA TRP A 33 -0.89 0.81 23.80
C TRP A 33 -2.08 -0.06 23.39
N PRO A 34 -3.31 0.44 23.58
CA PRO A 34 -4.50 -0.29 23.15
C PRO A 34 -4.59 -0.40 21.63
N GLY A 35 -4.96 -1.59 21.15
CA GLY A 35 -5.11 -1.85 19.71
C GLY A 35 -3.88 -2.49 19.08
N ILE A 36 -2.74 -2.44 19.78
CA ILE A 36 -1.49 -3.04 19.31
C ILE A 36 -0.83 -3.82 20.42
N THR A 37 0.06 -4.72 20.05
CA THR A 37 0.78 -5.57 21.02
C THR A 37 2.26 -5.25 21.08
N VAL A 38 2.81 -4.66 20.02
CA VAL A 38 4.20 -4.19 20.04
C VAL A 38 4.34 -2.99 20.98
N GLU A 39 5.57 -2.71 21.39
CA GLU A 39 5.87 -1.56 22.23
C GLU A 39 6.38 -0.38 21.39
N LEU A 40 6.00 0.83 21.80
CA LEU A 40 6.37 2.05 21.10
C LEU A 40 7.12 2.99 22.04
N LEU A 41 8.03 3.78 21.46
CA LEU A 41 8.71 4.85 22.19
C LEU A 41 7.84 6.10 22.16
N SER A 42 7.57 6.65 23.34
CA SER A 42 6.94 7.95 23.46
C SER A 42 7.58 8.76 24.58
N GLY A 43 7.41 10.06 24.52
CA GLY A 43 7.92 10.97 25.54
C GLY A 43 6.96 12.10 25.77
N LYS A 44 6.86 12.54 27.02
CA LYS A 44 5.94 13.60 27.39
C LYS A 44 6.69 14.91 27.57
N ILE A 45 6.08 15.99 27.13
CA ILE A 45 6.68 17.32 27.19
C ILE A 45 5.67 18.26 27.83
N LEU A 46 6.13 19.02 28.81
CA LEU A 46 5.36 20.08 29.43
C LEU A 46 5.64 21.39 28.70
N LEU A 47 4.58 22.04 28.24
CA LEU A 47 4.68 23.38 27.66
C LEU A 47 3.75 24.30 28.43
N GLY A 48 4.34 25.12 29.30
CA GLY A 48 3.57 25.92 30.24
C GLY A 48 2.89 24.98 31.22
N ALA A 49 1.57 25.04 31.29
CA ALA A 49 0.80 24.12 32.12
C ALA A 49 0.11 23.03 31.26
N ASP A 50 0.57 22.88 30.02
CA ASP A 50 -0.03 21.94 29.09
C ASP A 50 0.94 20.83 28.80
N MET A 51 0.41 19.64 28.49
CA MET A 51 1.26 18.51 28.18
C MET A 51 0.99 17.97 26.79
N VAL A 52 2.04 17.52 26.14
CA VAL A 52 1.92 16.82 24.87
C VAL A 52 2.72 15.54 25.00
N GLU A 53 2.16 14.46 24.49
CA GLU A 53 2.89 13.19 24.35
C GLU A 53 3.20 12.93 22.88
N ILE A 54 4.47 12.68 22.58
CA ILE A 54 4.92 12.44 21.22
C ILE A 54 5.24 10.95 21.12
N ILE A 55 4.68 10.28 20.11
CA ILE A 55 4.91 8.85 19.90
C ILE A 55 5.60 8.64 18.54
N ASP A 56 6.71 7.90 18.55
CA ASP A 56 7.43 7.57 17.34
C ASP A 56 6.86 6.29 16.74
N LEU A 57 6.04 6.46 15.70
CA LEU A 57 5.44 5.34 15.00
C LEU A 57 6.43 4.80 13.95
N PRO A 58 6.48 3.47 13.76
CA PRO A 58 7.46 2.95 12.79
C PRO A 58 7.19 3.41 11.35
N GLY A 59 8.27 3.58 10.59
CA GLY A 59 8.20 4.02 9.20
C GLY A 59 7.45 3.02 8.34
N ILE A 60 6.66 3.52 7.40
CA ILE A 60 5.79 2.70 6.59
C ILE A 60 5.74 3.25 5.17
N TYR A 61 5.29 2.42 4.23
CA TYR A 61 5.26 2.79 2.81
C TYR A 61 3.87 3.10 2.27
N ASP A 62 2.85 2.48 2.85
CA ASP A 62 1.48 2.65 2.40
C ASP A 62 0.57 2.65 3.62
N LEU A 63 -0.25 3.68 3.78
CA LEU A 63 -1.17 3.75 4.91
C LEU A 63 -2.22 2.65 4.85
N HIS A 64 -2.47 2.15 3.63
CA HIS A 64 -3.48 1.13 3.40
C HIS A 64 -2.86 -0.22 3.00
N GLY A 65 -1.62 -0.43 3.44
CA GLY A 65 -0.93 -1.68 3.19
C GLY A 65 -1.08 -2.63 4.37
N PHE A 66 -0.48 -3.81 4.25
CA PHE A 66 -0.66 -4.86 5.24
C PHE A 66 0.63 -5.46 5.76
N SER A 67 1.75 -4.76 5.62
CA SER A 67 2.95 -5.14 6.36
C SER A 67 2.65 -4.97 7.86
N ASP A 68 3.49 -5.58 8.71
CA ASP A 68 3.29 -5.56 10.16
C ASP A 68 3.27 -4.12 10.68
N ASP A 69 4.24 -3.34 10.22
CA ASP A 69 4.37 -1.93 10.59
C ASP A 69 3.15 -1.10 10.16
N GLU A 70 2.66 -1.34 8.95
CA GLU A 70 1.52 -0.60 8.43
C GLU A 70 0.26 -0.91 9.25
N GLN A 71 0.09 -2.17 9.60
CA GLN A 71 -0.99 -2.59 10.49
C GLN A 71 -0.86 -1.93 11.87
N VAL A 72 0.36 -1.85 12.41
CA VAL A 72 0.59 -1.21 13.70
C VAL A 72 0.15 0.26 13.66
N VAL A 73 0.70 1.00 12.70
CA VAL A 73 0.38 2.40 12.52
C VAL A 73 -1.12 2.63 12.36
N ARG A 74 -1.77 1.82 11.51
CA ARG A 74 -3.20 1.97 11.27
C ARG A 74 -4.03 1.69 12.53
N HIS A 75 -3.69 0.63 13.26
CA HIS A 75 -4.40 0.29 14.49
C HIS A 75 -4.21 1.37 15.55
N PHE A 76 -2.99 1.92 15.64
CA PHE A 76 -2.70 3.01 16.56
C PHE A 76 -3.51 4.25 16.22
N LEU A 77 -3.57 4.58 14.93
CA LEU A 77 -4.30 5.78 14.51
C LEU A 77 -5.79 5.60 14.74
N HIS A 78 -6.29 4.40 14.45
CA HIS A 78 -7.71 4.09 14.63
C HIS A 78 -8.11 4.19 16.11
N ASP A 79 -7.35 3.55 16.98
CA ASP A 79 -7.67 3.49 18.39
C ASP A 79 -7.24 4.73 19.18
N ASN A 80 -6.09 5.30 18.82
CA ASN A 80 -5.53 6.46 19.55
C ASN A 80 -5.33 7.61 18.59
N VAL A 81 -6.43 8.14 18.08
CA VAL A 81 -6.42 9.18 17.06
C VAL A 81 -5.62 10.39 17.56
N PRO A 82 -4.37 10.55 17.11
CA PRO A 82 -3.58 11.63 17.68
C PRO A 82 -4.09 13.00 17.25
N ASP A 83 -3.90 14.00 18.12
CA ASP A 83 -4.31 15.38 17.83
C ASP A 83 -3.57 16.02 16.67
N LEU A 84 -2.34 15.60 16.42
CA LEU A 84 -1.52 16.12 15.34
C LEU A 84 -0.70 14.98 14.77
N ALA A 85 -0.71 14.84 13.45
CA ALA A 85 0.21 13.97 12.77
C ALA A 85 1.39 14.83 12.33
N LEU A 86 2.57 14.56 12.88
CA LEU A 86 3.78 15.25 12.46
C LEU A 86 4.50 14.38 11.40
N VAL A 87 4.35 14.75 10.13
CA VAL A 87 4.84 13.94 9.02
C VAL A 87 6.24 14.40 8.56
N ILE A 88 7.21 13.52 8.71
CA ILE A 88 8.59 13.80 8.36
C ILE A 88 8.88 13.19 6.99
N LEU A 89 9.20 14.05 6.01
CA LEU A 89 9.66 13.60 4.70
C LEU A 89 11.14 13.90 4.49
N ASN A 90 11.80 12.99 3.80
CA ASN A 90 13.19 13.13 3.41
C ASN A 90 13.29 14.04 2.19
N ALA A 91 13.78 15.27 2.37
CA ALA A 91 13.86 16.20 1.23
C ALA A 91 14.56 15.62 0.01
N THR A 92 15.60 14.82 0.23
CA THR A 92 16.37 14.21 -0.86
C THR A 92 15.58 13.11 -1.61
N GLN A 93 14.55 12.54 -0.98
CA GLN A 93 13.70 11.54 -1.64
C GLN A 93 12.23 12.00 -1.76
N ILE A 94 12.03 13.29 -1.96
CA ILE A 94 10.70 13.91 -1.95
C ILE A 94 9.70 13.26 -2.92
N GLU A 95 10.17 12.92 -4.11
CA GLU A 95 9.28 12.36 -5.15
C GLU A 95 8.67 11.01 -4.73
N ARG A 96 9.46 10.20 -4.02
CA ARG A 96 9.00 8.89 -3.57
C ARG A 96 8.05 8.97 -2.36
N GLN A 97 8.31 9.92 -1.47
CA GLN A 97 7.69 9.92 -0.14
C GLN A 97 6.42 10.77 0.02
N MET A 98 6.06 11.56 -0.98
CA MET A 98 4.87 12.41 -0.93
C MET A 98 3.58 11.60 -0.78
N SER A 99 3.57 10.38 -1.33
CA SER A 99 2.38 9.54 -1.33
C SER A 99 1.84 9.28 0.07
N LEU A 100 2.73 9.03 1.03
CA LEU A 100 2.28 8.78 2.40
C LEU A 100 1.58 10.02 2.98
N LEU A 101 2.20 11.18 2.78
CA LEU A 101 1.62 12.46 3.21
C LEU A 101 0.21 12.64 2.67
N LEU A 102 0.05 12.43 1.36
CA LEU A 102 -1.23 12.64 0.71
C LEU A 102 -2.30 11.64 1.17
N GLN A 103 -1.88 10.42 1.48
CA GLN A 103 -2.80 9.43 2.03
C GLN A 103 -3.31 9.89 3.40
N LEU A 104 -2.40 10.37 4.24
CA LEU A 104 -2.78 10.91 5.56
C LEU A 104 -3.70 12.11 5.42
N LYS A 105 -3.42 12.96 4.43
CA LYS A 105 -4.26 14.13 4.14
C LYS A 105 -5.71 13.72 3.82
N GLN A 106 -5.86 12.58 3.15
CA GLN A 106 -7.19 12.10 2.74
C GLN A 106 -8.02 11.68 3.97
N LEU A 107 -7.38 11.34 5.07
CA LEU A 107 -8.10 11.07 6.32
C LEU A 107 -8.67 12.32 7.02
N ASN A 108 -8.33 13.52 6.52
CA ASN A 108 -8.70 14.80 7.16
C ASN A 108 -8.11 14.96 8.57
N MET A 109 -6.91 14.42 8.77
CA MET A 109 -6.18 14.61 10.01
C MET A 109 -5.60 16.02 10.12
N ASN A 110 -5.28 16.40 11.35
CA ASN A 110 -4.52 17.60 11.62
C ASN A 110 -3.04 17.28 11.38
N ILE A 111 -2.41 17.96 10.42
CA ILE A 111 -1.06 17.60 9.97
C ILE A 111 -0.14 18.80 9.94
N VAL A 112 1.12 18.59 10.30
CA VAL A 112 2.21 19.51 10.01
C VAL A 112 3.34 18.69 9.36
N VAL A 113 3.97 19.25 8.33
CA VAL A 113 4.99 18.55 7.57
C VAL A 113 6.39 19.15 7.75
N LEU A 114 7.33 18.31 8.12
CA LEU A 114 8.71 18.71 8.25
C LEU A 114 9.52 18.05 7.14
N LEU A 115 10.16 18.89 6.32
CA LEU A 115 11.01 18.39 5.25
C LEU A 115 12.43 18.29 5.77
N ASN A 116 12.87 17.07 5.99
CA ASN A 116 14.14 16.78 6.63
C ASN A 116 15.30 16.73 5.61
N MET A 117 16.52 16.91 6.09
CA MET A 117 17.73 16.87 5.24
C MET A 117 17.66 17.86 4.07
N SER A 118 17.28 19.10 4.36
CA SER A 118 17.13 20.12 3.33
C SER A 118 18.48 20.53 2.73
N ASP A 119 19.53 20.50 3.56
CA ASP A 119 20.88 20.87 3.12
C ASP A 119 21.42 19.83 2.16
N GLU A 120 21.43 18.56 2.59
CA GLU A 120 21.88 17.45 1.74
C GLU A 120 21.16 17.41 0.38
N ALA A 121 19.88 17.78 0.38
CA ALA A 121 19.10 17.86 -0.85
C ALA A 121 19.59 18.97 -1.76
N LYS A 122 19.98 20.11 -1.17
CA LYS A 122 20.56 21.23 -1.94
C LYS A 122 21.81 20.78 -2.69
N GLN A 123 22.58 19.88 -2.08
CA GLN A 123 23.80 19.32 -2.69
C GLN A 123 23.51 18.52 -3.96
N TYR A 124 22.30 17.97 -4.09
CA TYR A 124 21.86 17.34 -5.34
C TYR A 124 21.11 18.33 -6.25
N GLY A 125 21.16 19.62 -5.94
CA GLY A 125 20.39 20.63 -6.66
C GLY A 125 18.87 20.56 -6.48
N ILE A 126 18.41 19.81 -5.47
CA ILE A 126 16.96 19.69 -5.20
C ILE A 126 16.49 20.91 -4.42
N THR A 127 15.58 21.67 -5.01
CA THR A 127 14.98 22.81 -4.33
C THR A 127 13.49 22.57 -4.16
N ILE A 128 12.98 22.93 -2.98
CA ILE A 128 11.56 22.82 -2.69
C ILE A 128 11.06 24.18 -2.22
N ASP A 129 9.99 24.67 -2.82
CA ASP A 129 9.35 25.89 -2.37
C ASP A 129 8.28 25.49 -1.34
N SER A 130 8.64 25.61 -0.06
CA SER A 130 7.78 25.24 1.06
C SER A 130 6.43 25.92 1.02
N ARG A 131 6.44 27.23 0.79
CA ARG A 131 5.22 28.01 0.75
C ARG A 131 4.23 27.52 -0.32
N LYS A 132 4.72 27.24 -1.52
CA LYS A 132 3.85 26.77 -2.61
C LYS A 132 3.33 25.35 -2.35
N MET A 133 4.21 24.46 -1.91
CA MET A 133 3.81 23.11 -1.51
C MET A 133 2.72 23.19 -0.43
N SER A 134 2.97 24.02 0.58
CA SER A 134 2.04 24.25 1.68
C SER A 134 0.66 24.71 1.23
N GLU A 135 0.63 25.68 0.30
CA GLU A 135 -0.63 26.22 -0.23
C GLU A 135 -1.40 25.21 -1.09
N LEU A 136 -0.67 24.34 -1.77
CA LEU A 136 -1.31 23.27 -2.54
C LEU A 136 -1.89 22.21 -1.62
N LEU A 137 -1.15 21.85 -0.58
CA LEU A 137 -1.61 20.86 0.38
C LEU A 137 -2.65 21.42 1.37
N GLN A 138 -2.65 22.74 1.54
CA GLN A 138 -3.32 23.40 2.66
C GLN A 138 -2.86 22.80 4.00
N ILE A 139 -1.54 22.57 4.09
CA ILE A 139 -0.90 22.02 5.28
C ILE A 139 0.40 22.79 5.51
N PRO A 140 0.69 23.15 6.77
CA PRO A 140 1.98 23.83 7.03
C PRO A 140 3.19 22.94 6.72
N VAL A 141 4.19 23.50 6.04
CA VAL A 141 5.37 22.76 5.60
C VAL A 141 6.63 23.54 6.00
N PHE A 142 7.57 22.87 6.67
CA PHE A 142 8.80 23.50 7.12
C PHE A 142 10.02 22.67 6.78
N GLN A 143 11.09 23.35 6.36
CA GLN A 143 12.33 22.68 5.99
C GLN A 143 13.32 22.71 7.14
N LEU A 144 13.93 21.56 7.44
CA LEU A 144 14.98 21.47 8.46
C LEU A 144 16.33 21.23 7.77
N THR A 150 17.44 26.75 12.61
CA THR A 150 17.71 26.09 11.32
C THR A 150 16.42 25.61 10.67
N GLY A 151 15.32 26.31 10.95
CA GLY A 151 13.98 25.88 10.57
C GLY A 151 13.25 25.19 11.73
N TYR A 152 14.02 24.68 12.68
CA TYR A 152 13.48 23.99 13.85
C TYR A 152 12.51 24.88 14.62
N GLN A 153 12.94 26.11 14.92
CA GLN A 153 12.11 27.04 15.70
C GLN A 153 10.77 27.33 15.04
N GLU A 154 10.80 27.55 13.72
CA GLU A 154 9.59 27.82 12.94
C GLU A 154 8.67 26.61 12.93
N ALA A 155 9.26 25.42 12.87
CA ALA A 155 8.51 24.18 12.96
C ALA A 155 7.81 24.08 14.32
N LEU A 156 8.56 24.26 15.40
CA LEU A 156 7.99 24.19 16.75
C LEU A 156 6.78 25.10 16.89
N GLN A 157 6.91 26.29 16.31
CA GLN A 157 5.85 27.28 16.30
C GLN A 157 4.59 26.75 15.62
N ALA A 158 4.78 26.06 14.49
CA ALA A 158 3.67 25.42 13.78
C ALA A 158 3.10 24.23 14.57
N VAL A 159 3.97 23.50 15.25
CA VAL A 159 3.53 22.36 16.08
C VAL A 159 2.66 22.82 17.24
N THR A 160 3.12 23.82 17.99
CA THR A 160 2.36 24.29 19.14
C THR A 160 1.06 24.97 18.71
N ARG A 161 1.12 25.72 17.61
CA ARG A 161 -0.07 26.32 17.02
C ARG A 161 -1.17 25.29 16.75
N ALA A 162 -0.79 24.16 16.19
CA ALA A 162 -1.74 23.13 15.78
C ALA A 162 -2.35 22.41 16.98
N LEU A 163 -1.72 22.53 18.16
CA LEU A 163 -2.19 21.84 19.35
C LEU A 163 -3.20 22.63 20.18
N ARG A 164 -3.45 23.89 19.84
CA ARG A 164 -4.22 24.79 20.69
C ARG A 164 -5.71 24.77 20.42
N TYR A 165 -6.10 24.13 19.33
CA TYR A 165 -7.46 24.16 18.83
C TYR A 165 -7.98 22.74 18.78
N PRO A 166 -9.29 22.55 19.01
CA PRO A 166 -9.82 21.23 18.88
C PRO A 166 -10.10 20.95 17.42
N THR A 167 -10.30 19.67 17.12
CA THR A 167 -10.61 19.24 15.78
C THR A 167 -11.86 18.39 15.86
N PRO A 168 -13.02 19.06 15.95
CA PRO A 168 -14.28 18.33 16.14
C PRO A 168 -14.58 17.43 14.94
N GLY A 169 -14.93 16.17 15.21
CA GLY A 169 -15.27 15.21 14.16
C GLY A 169 -14.10 14.51 13.48
N MET A 170 -12.86 14.86 13.84
CA MET A 170 -11.69 14.27 13.20
C MET A 170 -11.57 12.76 13.45
N ALA A 171 -11.75 12.35 14.70
CA ALA A 171 -11.61 10.96 15.10
C ALA A 171 -12.55 10.05 14.31
N GLU A 172 -13.77 10.52 14.08
CA GLU A 172 -14.76 9.75 13.34
C GLU A 172 -14.42 9.72 11.84
N ASN A 173 -13.96 10.84 11.27
CA ASN A 173 -13.44 10.84 9.89
C ASN A 173 -12.32 9.81 9.74
N VAL A 174 -11.36 9.84 10.65
CA VAL A 174 -10.19 8.97 10.55
C VAL A 174 -10.61 7.50 10.59
N ARG A 175 -11.40 7.13 11.58
CA ARG A 175 -11.87 5.74 11.75
C ARG A 175 -12.65 5.23 10.54
N THR A 176 -13.53 6.08 10.02
CA THR A 176 -14.29 5.80 8.81
C THR A 176 -13.40 5.45 7.63
N GLN A 177 -12.37 6.26 7.42
CA GLN A 177 -11.51 6.13 6.26
C GLN A 177 -10.51 4.98 6.35
N LEU A 178 -10.44 4.34 7.53
CA LEU A 178 -9.58 3.18 7.72
C LEU A 178 -10.40 1.86 7.67
N GLU A 179 -11.68 1.96 7.31
CA GLU A 179 -12.61 0.84 7.42
C GLU A 179 -12.36 -0.26 6.41
N GLN A 180 -12.12 0.12 5.15
CA GLN A 180 -11.93 -0.88 4.10
C GLN A 180 -10.69 -1.73 4.40
N ASP A 181 -9.71 -1.13 5.08
CA ASP A 181 -8.50 -1.86 5.46
C ASP A 181 -8.80 -2.87 6.56
N GLU A 182 -9.63 -2.48 7.54
CA GLU A 182 -9.98 -3.39 8.64
C GLU A 182 -10.83 -4.56 8.14
N HIS A 183 -11.73 -4.31 7.18
CA HIS A 183 -12.50 -5.40 6.57
C HIS A 183 -11.56 -6.45 5.97
N ILE A 184 -10.52 -6.00 5.27
CA ILE A 184 -9.55 -6.93 4.70
C ILE A 184 -8.81 -7.72 5.77
N GLU A 185 -8.42 -7.06 6.86
CA GLU A 185 -7.73 -7.75 7.96
C GLU A 185 -8.60 -8.83 8.57
N ALA A 186 -9.88 -8.51 8.75
CA ALA A 186 -10.86 -9.43 9.31
C ALA A 186 -11.05 -10.65 8.41
N GLU A 187 -11.18 -10.41 7.10
CA GLU A 187 -11.24 -11.48 6.11
C GLU A 187 -10.03 -12.39 6.22
N MET A 188 -8.86 -11.78 6.32
CA MET A 188 -7.60 -12.53 6.40
C MET A 188 -7.60 -13.46 7.60
N VAL A 189 -7.87 -12.92 8.79
CA VAL A 189 -7.90 -13.75 10.01
C VAL A 189 -8.89 -14.89 9.82
N ARG A 190 -10.08 -14.57 9.34
CA ARG A 190 -11.13 -15.56 9.19
C ARG A 190 -10.70 -16.69 8.26
N ILE A 191 -10.18 -16.33 7.08
CA ILE A 191 -9.80 -17.33 6.08
C ILE A 191 -8.65 -18.22 6.58
N LEU A 192 -7.63 -17.59 7.17
CA LEU A 192 -6.47 -18.33 7.67
C LEU A 192 -6.85 -19.24 8.83
N LYS A 193 -7.54 -18.69 9.82
CA LYS A 193 -8.02 -19.48 10.95
C LYS A 193 -8.77 -20.69 10.44
N SER A 194 -9.67 -20.47 9.49
CA SER A 194 -10.59 -21.49 9.03
C SER A 194 -10.03 -22.47 8.00
N ALA A 195 -9.10 -22.04 7.16
CA ALA A 195 -8.72 -22.84 5.98
C ALA A 195 -7.25 -23.20 5.91
N VAL A 196 -6.44 -22.70 6.83
CA VAL A 196 -4.99 -22.88 6.77
C VAL A 196 -4.45 -23.32 8.12
N GLN A 197 -3.68 -24.41 8.13
CA GLN A 197 -2.95 -24.83 9.32
C GLN A 197 -1.46 -24.59 9.13
N ILE A 198 -0.88 -23.79 10.03
CA ILE A 198 0.55 -23.49 10.04
C ILE A 198 1.17 -24.16 11.27
N PRO A 199 2.40 -24.71 11.15
CA PRO A 199 3.11 -25.21 12.32
C PRO A 199 3.94 -24.11 12.97
N PHE B 3 -8.04 -12.29 -27.77
CA PHE B 3 -8.76 -10.99 -27.63
C PHE B 3 -9.41 -10.80 -26.24
N LYS B 4 -9.87 -11.89 -25.61
CA LYS B 4 -10.18 -11.87 -24.17
C LYS B 4 -8.86 -11.86 -23.44
N ARG B 5 -8.76 -11.05 -22.37
CA ARG B 5 -7.47 -10.82 -21.70
C ARG B 5 -7.43 -11.42 -20.28
N ILE B 6 -6.30 -12.05 -19.98
CA ILE B 6 -6.03 -12.62 -18.68
C ILE B 6 -4.76 -11.97 -18.14
N ALA B 7 -4.88 -11.25 -17.01
CA ALA B 7 -3.71 -10.67 -16.35
C ALA B 7 -3.19 -11.60 -15.26
N LEU B 8 -1.92 -12.00 -15.38
CA LEU B 8 -1.24 -12.77 -14.34
C LEU B 8 -0.76 -11.80 -13.29
N LEU B 9 -1.26 -12.00 -12.06
CA LEU B 9 -1.03 -11.10 -10.95
C LEU B 9 -0.55 -11.87 -9.74
N GLY B 10 0.40 -11.31 -9.03
CA GLY B 10 0.99 -12.00 -7.91
C GLY B 10 2.20 -11.28 -7.37
N MET B 11 2.71 -11.78 -6.26
CA MET B 11 3.96 -11.28 -5.69
C MET B 11 5.14 -11.85 -6.46
N PRO B 12 6.33 -11.25 -6.26
CA PRO B 12 7.53 -11.85 -6.82
C PRO B 12 7.75 -13.29 -6.35
N ASN B 13 8.40 -14.08 -7.21
CA ASN B 13 8.84 -15.44 -6.86
C ASN B 13 7.70 -16.41 -6.57
N THR B 14 6.57 -16.22 -7.25
CA THR B 14 5.43 -17.11 -7.10
C THR B 14 5.33 -18.08 -8.29
N GLY B 15 6.36 -18.13 -9.13
CA GLY B 15 6.35 -18.97 -10.32
C GLY B 15 5.52 -18.41 -11.48
N LYS B 16 5.20 -17.11 -11.43
CA LYS B 16 4.40 -16.50 -12.48
C LYS B 16 5.01 -16.63 -13.88
N SER B 17 6.30 -16.35 -14.01
CA SER B 17 6.89 -16.32 -15.33
C SER B 17 7.03 -17.75 -15.88
N THR B 18 7.38 -18.72 -15.02
CA THR B 18 7.39 -20.10 -15.49
C THR B 18 5.99 -20.60 -15.90
N LEU B 19 4.95 -20.22 -15.16
CA LEU B 19 3.59 -20.55 -15.57
C LEU B 19 3.22 -19.85 -16.88
N PHE B 20 3.57 -18.56 -16.97
CA PHE B 20 3.36 -17.77 -18.17
C PHE B 20 3.94 -18.47 -19.41
N ASN B 21 5.21 -18.87 -19.31
CA ASN B 21 5.92 -19.46 -20.43
C ASN B 21 5.32 -20.79 -20.84
N ARG B 22 4.88 -21.57 -19.86
CA ARG B 22 4.16 -22.79 -20.14
C ARG B 22 2.81 -22.52 -20.81
N MET B 23 2.11 -21.48 -20.35
CA MET B 23 0.79 -21.18 -20.92
C MET B 23 0.86 -20.65 -22.37
N THR B 24 1.89 -19.88 -22.69
CA THR B 24 2.02 -19.27 -24.00
C THR B 24 2.99 -20.00 -24.93
N GLY B 25 3.42 -21.20 -24.54
CA GLY B 25 4.34 -22.03 -25.33
C GLY B 25 5.70 -21.41 -25.63
N GLY B 26 6.11 -20.44 -24.80
CA GLY B 26 7.35 -19.70 -25.05
C GLY B 26 7.25 -18.70 -26.21
N ALA B 27 6.03 -18.43 -26.67
CA ALA B 27 5.79 -17.58 -27.84
C ALA B 27 5.39 -16.16 -27.42
N ALA B 28 5.77 -15.78 -26.21
CA ALA B 28 5.48 -14.44 -25.71
C ALA B 28 6.29 -13.41 -26.47
N ARG B 29 5.71 -12.22 -26.66
CA ARG B 29 6.41 -11.08 -27.25
C ARG B 29 6.18 -9.85 -26.40
N VAL B 30 7.10 -8.89 -26.45
CA VAL B 30 6.95 -7.64 -25.73
C VAL B 30 5.95 -6.78 -26.49
N GLY B 31 5.26 -5.90 -25.77
CA GLY B 31 4.21 -5.10 -26.35
C GLY B 31 3.92 -3.86 -25.52
N ASN B 32 3.33 -2.87 -26.17
CA ASN B 32 2.91 -1.63 -25.54
C ASN B 32 1.45 -1.71 -25.20
N TRP B 33 1.06 -1.03 -24.14
CA TRP B 33 -0.32 -1.04 -23.69
C TRP B 33 -0.77 0.37 -23.35
N PRO B 34 -2.05 0.69 -23.61
CA PRO B 34 -2.60 1.97 -23.14
C PRO B 34 -2.37 2.19 -21.64
N GLY B 35 -1.98 3.41 -21.27
CA GLY B 35 -1.88 3.80 -19.87
C GLY B 35 -0.55 3.53 -19.19
N ILE B 36 0.36 2.83 -19.86
CA ILE B 36 1.67 2.56 -19.25
C ILE B 36 2.78 2.90 -20.21
N THR B 37 3.90 3.34 -19.64
CA THR B 37 5.07 3.74 -20.42
C THR B 37 6.10 2.62 -20.54
N VAL B 38 5.88 1.50 -19.84
CA VAL B 38 6.79 0.35 -19.94
C VAL B 38 6.21 -0.69 -20.87
N GLU B 39 7.03 -1.66 -21.24
CA GLU B 39 6.59 -2.80 -22.04
C GLU B 39 6.32 -4.02 -21.16
N LEU B 40 5.41 -4.88 -21.61
CA LEU B 40 5.03 -6.10 -20.90
C LEU B 40 5.14 -7.27 -21.82
N LEU B 41 5.32 -8.46 -21.25
CA LEU B 41 5.29 -9.70 -22.01
C LEU B 41 3.83 -10.19 -22.08
N SER B 42 3.41 -10.58 -23.27
CA SER B 42 2.10 -11.19 -23.45
C SER B 42 2.15 -12.20 -24.59
N GLY B 43 1.23 -13.16 -24.53
CA GLY B 43 1.11 -14.18 -25.56
C GLY B 43 -0.32 -14.68 -25.59
N LYS B 44 -0.54 -15.77 -26.31
CA LYS B 44 -1.89 -16.33 -26.52
C LYS B 44 -1.95 -17.77 -26.02
N ILE B 45 -3.13 -18.17 -25.54
CA ILE B 45 -3.40 -19.57 -25.24
C ILE B 45 -4.78 -19.94 -25.78
N LEU B 46 -4.90 -21.14 -26.33
CA LEU B 46 -6.17 -21.65 -26.81
C LEU B 46 -6.94 -22.23 -25.64
N LEU B 47 -8.00 -21.56 -25.21
CA LEU B 47 -8.83 -22.05 -24.12
C LEU B 47 -10.20 -22.36 -24.69
N GLY B 48 -10.59 -23.63 -24.64
CA GLY B 48 -11.78 -24.09 -25.35
C GLY B 48 -11.61 -23.78 -26.82
N ALA B 49 -12.49 -22.92 -27.34
CA ALA B 49 -12.48 -22.56 -28.77
C ALA B 49 -11.88 -21.19 -29.04
N ASP B 50 -11.61 -20.40 -27.99
CA ASP B 50 -11.15 -19.02 -28.18
C ASP B 50 -9.66 -18.84 -27.87
N MET B 51 -9.01 -18.00 -28.66
CA MET B 51 -7.65 -17.58 -28.38
C MET B 51 -7.74 -16.45 -27.37
N VAL B 52 -6.96 -16.56 -26.31
CA VAL B 52 -7.02 -15.62 -25.18
C VAL B 52 -5.64 -15.03 -24.98
N GLU B 53 -5.56 -13.73 -24.77
CA GLU B 53 -4.26 -13.11 -24.54
C GLU B 53 -3.89 -13.11 -23.05
N ILE B 54 -2.69 -13.60 -22.73
CA ILE B 54 -2.21 -13.63 -21.35
C ILE B 54 -1.12 -12.61 -21.20
N ILE B 55 -1.24 -11.76 -20.19
CA ILE B 55 -0.25 -10.73 -19.90
C ILE B 55 0.40 -11.00 -18.54
N ASP B 56 1.73 -10.94 -18.50
CA ASP B 56 2.46 -11.10 -17.25
C ASP B 56 2.70 -9.74 -16.62
N LEU B 57 2.01 -9.45 -15.53
CA LEU B 57 2.25 -8.20 -14.84
C LEU B 57 3.41 -8.44 -13.86
N PRO B 58 4.25 -7.42 -13.64
CA PRO B 58 5.35 -7.59 -12.71
C PRO B 58 4.85 -7.89 -11.29
N GLY B 59 5.59 -8.73 -10.58
CA GLY B 59 5.28 -9.07 -9.20
C GLY B 59 5.22 -7.82 -8.34
N ILE B 60 4.21 -7.76 -7.49
CA ILE B 60 4.03 -6.64 -6.57
C ILE B 60 3.57 -7.12 -5.19
N TYR B 61 3.85 -6.32 -4.17
CA TYR B 61 3.54 -6.63 -2.77
C TYR B 61 2.24 -6.00 -2.30
N ASP B 62 1.96 -4.81 -2.81
CA ASP B 62 0.85 -4.01 -2.37
C ASP B 62 0.18 -3.29 -3.54
N LEU B 63 -1.08 -3.66 -3.82
CA LEU B 63 -1.86 -3.05 -4.89
C LEU B 63 -1.96 -1.53 -4.81
N HIS B 64 -1.92 -0.97 -3.60
CA HIS B 64 -2.06 0.47 -3.41
C HIS B 64 -0.74 1.15 -3.03
N GLY B 65 0.38 0.48 -3.28
CA GLY B 65 1.72 1.03 -3.00
C GLY B 65 2.22 1.89 -4.16
N PHE B 66 3.44 2.42 -4.04
CA PHE B 66 3.95 3.37 -5.03
C PHE B 66 5.36 3.03 -5.52
N SER B 67 5.72 1.75 -5.48
CA SER B 67 6.86 1.30 -6.27
C SER B 67 6.49 1.51 -7.75
N ASP B 68 7.49 1.45 -8.63
CA ASP B 68 7.22 1.59 -10.06
C ASP B 68 6.29 0.48 -10.55
N ASP B 69 6.56 -0.75 -10.12
CA ASP B 69 5.80 -1.91 -10.56
C ASP B 69 4.34 -1.85 -10.11
N GLU B 70 4.10 -1.28 -8.94
CA GLU B 70 2.77 -1.13 -8.38
C GLU B 70 1.98 -0.05 -9.13
N GLN B 71 2.66 1.00 -9.57
CA GLN B 71 2.01 1.99 -10.47
C GLN B 71 1.69 1.37 -11.82
N VAL B 72 2.60 0.58 -12.37
CA VAL B 72 2.36 -0.09 -13.65
C VAL B 72 1.11 -0.98 -13.57
N VAL B 73 1.02 -1.81 -12.54
CA VAL B 73 -0.13 -2.69 -12.38
C VAL B 73 -1.42 -1.91 -12.33
N ARG B 74 -1.48 -0.86 -11.50
CA ARG B 74 -2.71 -0.07 -11.41
C ARG B 74 -3.08 0.59 -12.74
N HIS B 75 -2.10 1.16 -13.43
CA HIS B 75 -2.38 1.81 -14.70
C HIS B 75 -2.82 0.81 -15.74
N PHE B 76 -2.15 -0.35 -15.80
CA PHE B 76 -2.56 -1.38 -16.74
C PHE B 76 -4.00 -1.78 -16.49
N LEU B 77 -4.30 -2.12 -15.24
CA LEU B 77 -5.64 -2.57 -14.87
C LEU B 77 -6.70 -1.51 -15.17
N HIS B 78 -6.41 -0.25 -14.87
CA HIS B 78 -7.38 0.83 -15.09
C HIS B 78 -7.75 0.96 -16.56
N ASP B 79 -6.75 1.02 -17.44
CA ASP B 79 -6.98 1.24 -18.87
C ASP B 79 -7.20 -0.04 -19.69
N ASN B 80 -6.89 -1.21 -19.11
CA ASN B 80 -7.02 -2.50 -19.80
C ASN B 80 -7.62 -3.56 -18.89
N VAL B 81 -8.85 -3.34 -18.43
CA VAL B 81 -9.49 -4.21 -17.44
C VAL B 81 -9.53 -5.62 -17.98
N PRO B 82 -8.80 -6.54 -17.34
CA PRO B 82 -8.83 -7.90 -17.85
C PRO B 82 -10.17 -8.60 -17.63
N ASP B 83 -10.47 -9.54 -18.51
CA ASP B 83 -11.65 -10.37 -18.37
C ASP B 83 -11.47 -11.32 -17.20
N LEU B 84 -10.21 -11.64 -16.88
CA LEU B 84 -9.87 -12.47 -15.75
C LEU B 84 -8.56 -11.99 -15.14
N ALA B 85 -8.52 -11.86 -13.82
CA ALA B 85 -7.26 -11.72 -13.09
C ALA B 85 -6.87 -13.09 -12.54
N LEU B 86 -5.74 -13.62 -13.01
CA LEU B 86 -5.26 -14.93 -12.57
C LEU B 86 -4.21 -14.68 -11.48
N VAL B 87 -4.62 -14.90 -10.24
CA VAL B 87 -3.83 -14.49 -9.09
C VAL B 87 -3.04 -15.67 -8.57
N ILE B 88 -1.72 -15.54 -8.58
CA ILE B 88 -0.83 -16.62 -8.19
C ILE B 88 -0.22 -16.29 -6.85
N LEU B 89 -0.47 -17.16 -5.87
CA LEU B 89 0.08 -17.05 -4.52
C LEU B 89 1.02 -18.20 -4.27
N ASN B 90 2.07 -17.93 -3.50
CA ASN B 90 2.98 -18.95 -3.04
C ASN B 90 2.38 -19.60 -1.78
N ALA B 91 2.00 -20.86 -1.88
CA ALA B 91 1.36 -21.57 -0.76
C ALA B 91 2.19 -21.51 0.53
N THR B 92 3.51 -21.43 0.38
CA THR B 92 4.42 -21.41 1.52
C THR B 92 4.41 -20.04 2.23
N GLN B 93 3.78 -19.04 1.60
CA GLN B 93 3.69 -17.69 2.16
C GLN B 93 2.23 -17.23 2.19
N ILE B 94 1.32 -18.17 2.37
CA ILE B 94 -0.11 -17.88 2.31
C ILE B 94 -0.51 -16.78 3.30
N GLU B 95 0.02 -16.80 4.51
CA GLU B 95 -0.23 -15.71 5.48
C GLU B 95 0.23 -14.34 5.00
N ARG B 96 1.39 -14.28 4.37
CA ARG B 96 1.94 -12.99 3.93
C ARG B 96 1.45 -12.54 2.56
N GLN B 97 0.75 -13.39 1.82
CA GLN B 97 0.35 -13.05 0.45
C GLN B 97 -1.14 -12.86 0.27
N MET B 98 -1.93 -13.36 1.20
CA MET B 98 -3.37 -13.24 1.17
C MET B 98 -3.85 -11.81 0.95
N SER B 99 -3.13 -10.83 1.50
CA SER B 99 -3.55 -9.42 1.41
C SER B 99 -3.64 -8.92 -0.03
N LEU B 100 -2.69 -9.31 -0.87
CA LEU B 100 -2.74 -8.88 -2.26
C LEU B 100 -4.00 -9.43 -2.93
N LEU B 101 -4.31 -10.70 -2.68
CA LEU B 101 -5.54 -11.30 -3.20
C LEU B 101 -6.77 -10.51 -2.76
N LEU B 102 -6.84 -10.16 -1.47
CA LEU B 102 -8.03 -9.51 -0.95
C LEU B 102 -8.14 -8.06 -1.46
N GLN B 103 -7.00 -7.40 -1.65
CA GLN B 103 -6.99 -6.08 -2.33
C GLN B 103 -7.58 -6.18 -3.73
N LEU B 104 -7.20 -7.21 -4.48
CA LEU B 104 -7.72 -7.39 -5.85
C LEU B 104 -9.19 -7.72 -5.85
N LYS B 105 -9.61 -8.55 -4.89
CA LYS B 105 -11.03 -8.87 -4.72
C LYS B 105 -11.84 -7.60 -4.42
N GLN B 106 -11.29 -6.72 -3.61
CA GLN B 106 -11.98 -5.45 -3.28
C GLN B 106 -12.17 -4.55 -4.52
N LEU B 107 -11.27 -4.67 -5.50
CA LEU B 107 -11.50 -4.01 -6.80
C LEU B 107 -12.73 -4.50 -7.57
N ASN B 108 -13.32 -5.64 -7.17
CA ASN B 108 -14.42 -6.30 -7.90
C ASN B 108 -14.00 -6.92 -9.23
N MET B 109 -12.72 -7.23 -9.36
CA MET B 109 -12.23 -7.99 -10.50
C MET B 109 -12.78 -9.42 -10.51
N ASN B 110 -12.90 -9.97 -11.72
CA ASN B 110 -13.19 -11.39 -11.89
C ASN B 110 -11.88 -12.14 -11.65
N ILE B 111 -11.87 -13.08 -10.69
CA ILE B 111 -10.61 -13.71 -10.24
C ILE B 111 -10.63 -15.24 -10.24
N VAL B 112 -9.50 -15.85 -10.56
CA VAL B 112 -9.22 -17.26 -10.20
C VAL B 112 -7.92 -17.27 -9.44
N VAL B 113 -7.89 -18.01 -8.34
CA VAL B 113 -6.69 -18.11 -7.54
C VAL B 113 -5.97 -19.43 -7.78
N LEU B 114 -4.66 -19.35 -8.01
CA LEU B 114 -3.80 -20.53 -8.06
C LEU B 114 -2.82 -20.50 -6.90
N LEU B 115 -2.78 -21.57 -6.12
CA LEU B 115 -1.82 -21.70 -5.02
C LEU B 115 -0.65 -22.55 -5.47
N ASN B 116 0.41 -21.87 -5.88
CA ASN B 116 1.60 -22.52 -6.38
C ASN B 116 2.49 -23.01 -5.24
N MET B 117 3.52 -23.80 -5.55
CA MET B 117 4.44 -24.37 -4.54
C MET B 117 3.68 -25.18 -3.47
N SER B 118 2.60 -25.84 -3.86
CA SER B 118 1.80 -26.62 -2.92
C SER B 118 2.52 -27.80 -2.27
N ASP B 119 3.46 -28.43 -2.97
CA ASP B 119 4.20 -29.56 -2.40
C ASP B 119 5.22 -29.04 -1.42
N GLU B 120 5.85 -27.93 -1.76
CA GLU B 120 6.76 -27.26 -0.83
C GLU B 120 6.03 -26.88 0.46
N ALA B 121 4.87 -26.26 0.33
CA ALA B 121 4.10 -25.88 1.52
C ALA B 121 3.79 -27.13 2.38
N LYS B 122 3.34 -28.20 1.73
CA LYS B 122 3.02 -29.46 2.41
C LYS B 122 4.27 -30.00 3.11
N GLN B 123 5.40 -29.93 2.43
CA GLN B 123 6.66 -30.34 3.03
C GLN B 123 6.96 -29.60 4.35
N TYR B 124 6.60 -28.32 4.44
CA TYR B 124 6.86 -27.55 5.66
C TYR B 124 5.73 -27.71 6.70
N GLY B 125 4.78 -28.61 6.43
CA GLY B 125 3.65 -28.85 7.32
C GLY B 125 2.55 -27.81 7.21
N ILE B 126 2.54 -27.03 6.13
CA ILE B 126 1.47 -26.07 5.90
C ILE B 126 0.38 -26.81 5.17
N THR B 127 -0.83 -26.77 5.73
CA THR B 127 -2.00 -27.43 5.16
C THR B 127 -2.99 -26.36 4.74
N ILE B 128 -3.43 -26.41 3.50
CA ILE B 128 -4.41 -25.46 3.01
C ILE B 128 -5.61 -26.24 2.48
N ASP B 129 -6.79 -25.97 3.02
CA ASP B 129 -8.01 -26.54 2.49
C ASP B 129 -8.55 -25.60 1.42
N SER B 130 -8.25 -25.90 0.16
CA SER B 130 -8.58 -24.97 -0.93
C SER B 130 -10.08 -24.89 -1.20
N ARG B 131 -10.83 -25.97 -0.96
CA ARG B 131 -12.29 -25.93 -1.11
C ARG B 131 -12.91 -24.95 -0.12
N LYS B 132 -12.50 -25.04 1.14
CA LYS B 132 -12.94 -24.12 2.19
C LYS B 132 -12.58 -22.67 1.88
N MET B 133 -11.31 -22.43 1.53
CA MET B 133 -10.87 -21.08 1.19
C MET B 133 -11.69 -20.53 0.03
N SER B 134 -11.90 -21.37 -0.99
CA SER B 134 -12.74 -20.98 -2.14
C SER B 134 -14.16 -20.64 -1.74
N GLU B 135 -14.75 -21.47 -0.88
CA GLU B 135 -16.10 -21.22 -0.35
C GLU B 135 -16.14 -19.89 0.38
N LEU B 136 -15.12 -19.60 1.19
CA LEU B 136 -15.09 -18.36 1.97
C LEU B 136 -14.87 -17.12 1.11
N LEU B 137 -13.98 -17.22 0.13
CA LEU B 137 -13.73 -16.12 -0.82
C LEU B 137 -14.85 -15.96 -1.84
N GLN B 138 -15.51 -17.07 -2.18
CA GLN B 138 -16.41 -17.12 -3.34
C GLN B 138 -15.61 -16.84 -4.64
N ILE B 139 -14.43 -17.43 -4.70
CA ILE B 139 -13.53 -17.34 -5.83
C ILE B 139 -13.00 -18.75 -6.02
N PRO B 140 -12.88 -19.21 -7.27
CA PRO B 140 -12.23 -20.50 -7.51
C PRO B 140 -10.77 -20.51 -7.04
N VAL B 141 -10.38 -21.56 -6.31
CA VAL B 141 -9.02 -21.72 -5.81
C VAL B 141 -8.52 -23.11 -6.23
N PHE B 142 -7.36 -23.17 -6.88
CA PHE B 142 -6.75 -24.43 -7.30
C PHE B 142 -5.27 -24.45 -6.91
N GLN B 143 -4.76 -25.64 -6.67
CA GLN B 143 -3.39 -25.81 -6.17
C GLN B 143 -2.51 -26.33 -7.31
N LEU B 144 -1.28 -25.83 -7.39
CA LEU B 144 -0.28 -26.33 -8.34
C LEU B 144 0.95 -26.76 -7.58
N SER B 145 1.62 -27.79 -8.09
CA SER B 145 2.88 -28.26 -7.53
C SER B 145 4.09 -27.62 -8.22
N GLY B 149 3.83 -28.91 -11.68
CA GLY B 149 3.37 -29.98 -12.56
C GLY B 149 1.89 -30.31 -12.36
N THR B 150 1.56 -30.93 -11.23
CA THR B 150 0.18 -31.33 -10.93
C THR B 150 -0.72 -30.11 -10.75
N GLY B 151 -1.98 -30.26 -11.13
CA GLY B 151 -2.98 -29.19 -11.02
C GLY B 151 -3.09 -28.26 -12.22
N TYR B 152 -2.21 -28.42 -13.20
CA TYR B 152 -2.16 -27.49 -14.33
C TYR B 152 -3.39 -27.55 -15.25
N GLN B 153 -3.79 -28.75 -15.65
CA GLN B 153 -4.96 -28.94 -16.51
C GLN B 153 -6.25 -28.50 -15.82
N GLU B 154 -6.37 -28.83 -14.56
CA GLU B 154 -7.51 -28.41 -13.76
C GLU B 154 -7.54 -26.89 -13.66
N ALA B 155 -6.35 -26.27 -13.60
CA ALA B 155 -6.23 -24.82 -13.60
C ALA B 155 -6.72 -24.19 -14.91
N LEU B 156 -6.28 -24.72 -16.04
CA LEU B 156 -6.71 -24.21 -17.35
C LEU B 156 -8.23 -24.34 -17.56
N GLN B 157 -8.80 -25.44 -17.09
CA GLN B 157 -10.25 -25.64 -17.13
C GLN B 157 -11.00 -24.58 -16.34
N ALA B 158 -10.49 -24.27 -15.15
CA ALA B 158 -11.11 -23.24 -14.30
C ALA B 158 -11.03 -21.87 -15.00
N VAL B 159 -9.87 -21.56 -15.58
CA VAL B 159 -9.68 -20.31 -16.31
C VAL B 159 -10.69 -20.18 -17.45
N THR B 160 -10.89 -21.28 -18.19
CA THR B 160 -11.86 -21.31 -19.29
C THR B 160 -13.27 -21.00 -18.81
N ARG B 161 -13.69 -21.64 -17.73
CA ARG B 161 -15.03 -21.39 -17.19
C ARG B 161 -15.21 -19.96 -16.68
N ALA B 162 -14.15 -19.41 -16.09
CA ALA B 162 -14.19 -18.07 -15.53
C ALA B 162 -14.38 -17.00 -16.59
N LEU B 163 -14.12 -17.33 -17.86
CA LEU B 163 -14.34 -16.39 -18.94
C LEU B 163 -15.80 -16.39 -19.45
N ARG B 164 -16.61 -17.32 -18.97
CA ARG B 164 -18.04 -17.33 -19.28
C ARG B 164 -18.82 -16.29 -18.47
N TYR B 165 -19.93 -15.83 -19.04
CA TYR B 165 -20.89 -14.97 -18.35
C TYR B 165 -20.21 -13.77 -17.64
N PRO B 166 -19.55 -12.89 -18.41
CA PRO B 166 -18.95 -11.67 -17.82
C PRO B 166 -19.98 -10.85 -17.07
N THR B 167 -19.59 -10.34 -15.90
CA THR B 167 -20.53 -9.63 -15.04
C THR B 167 -20.75 -8.21 -15.60
N PRO B 168 -22.00 -7.85 -15.91
CA PRO B 168 -22.21 -6.47 -16.35
C PRO B 168 -21.72 -5.46 -15.32
N GLY B 169 -21.17 -4.35 -15.80
CA GLY B 169 -20.68 -3.29 -14.92
C GLY B 169 -19.30 -3.51 -14.33
N MET B 170 -18.67 -4.65 -14.63
CA MET B 170 -17.43 -5.03 -13.96
C MET B 170 -16.29 -4.02 -14.18
N ALA B 171 -16.08 -3.64 -15.44
CA ALA B 171 -14.99 -2.75 -15.82
C ALA B 171 -15.16 -1.36 -15.19
N GLU B 172 -16.41 -0.90 -15.19
CA GLU B 172 -16.76 0.39 -14.62
C GLU B 172 -16.48 0.42 -13.12
N ASN B 173 -16.80 -0.67 -12.42
CA ASN B 173 -16.48 -0.82 -11.01
C ASN B 173 -14.98 -0.89 -10.72
N VAL B 174 -14.25 -1.65 -11.53
CA VAL B 174 -12.80 -1.74 -11.35
C VAL B 174 -12.15 -0.35 -11.49
N ARG B 175 -12.51 0.40 -12.55
CA ARG B 175 -11.97 1.75 -12.77
C ARG B 175 -12.26 2.68 -11.61
N THR B 176 -13.52 2.66 -11.15
CA THR B 176 -13.94 3.46 -10.01
C THR B 176 -13.07 3.18 -8.78
N GLN B 177 -12.89 1.92 -8.43
CA GLN B 177 -12.07 1.54 -7.26
C GLN B 177 -10.61 1.92 -7.38
N LEU B 178 -10.14 2.25 -8.58
CA LEU B 178 -8.73 2.59 -8.79
C LEU B 178 -8.49 4.11 -8.81
N GLU B 179 -9.57 4.89 -8.86
CA GLU B 179 -9.43 6.31 -9.17
C GLU B 179 -9.00 7.14 -7.96
N GLN B 180 -9.23 6.67 -6.74
CA GLN B 180 -8.61 7.32 -5.58
C GLN B 180 -7.08 7.19 -5.61
N ASP B 181 -6.56 6.03 -6.03
CA ASP B 181 -5.11 5.88 -6.25
C ASP B 181 -4.66 6.90 -7.31
N GLU B 182 -5.45 7.05 -8.36
CA GLU B 182 -5.11 7.99 -9.42
C GLU B 182 -5.21 9.46 -8.98
N HIS B 183 -6.11 9.77 -8.05
CA HIS B 183 -6.18 11.11 -7.45
C HIS B 183 -4.92 11.44 -6.63
N ILE B 184 -4.40 10.47 -5.87
CA ILE B 184 -3.15 10.66 -5.14
C ILE B 184 -2.00 10.94 -6.11
N GLU B 185 -1.93 10.16 -7.18
CA GLU B 185 -0.87 10.32 -8.19
C GLU B 185 -0.93 11.68 -8.87
N ALA B 186 -2.14 12.10 -9.25
CA ALA B 186 -2.38 13.42 -9.84
C ALA B 186 -1.98 14.56 -8.90
N GLU B 187 -2.33 14.43 -7.62
CA GLU B 187 -1.88 15.38 -6.60
C GLU B 187 -0.36 15.44 -6.53
N MET B 188 0.29 14.27 -6.53
CA MET B 188 1.75 14.21 -6.47
C MET B 188 2.36 14.98 -7.66
N VAL B 189 1.88 14.69 -8.87
CA VAL B 189 2.38 15.35 -10.08
C VAL B 189 2.21 16.87 -10.01
N ARG B 190 0.99 17.31 -9.72
CA ARG B 190 0.67 18.73 -9.58
C ARG B 190 1.62 19.45 -8.60
N ILE B 191 1.87 18.85 -7.44
CA ILE B 191 2.72 19.44 -6.40
C ILE B 191 4.21 19.47 -6.76
N LEU B 192 4.70 18.38 -7.33
CA LEU B 192 6.10 18.33 -7.78
C LEU B 192 6.38 19.41 -8.83
N LYS B 193 5.52 19.50 -9.84
CA LYS B 193 5.66 20.50 -10.89
C LYS B 193 5.64 21.94 -10.38
N SER B 194 4.79 22.22 -9.40
CA SER B 194 4.62 23.59 -8.91
C SER B 194 5.68 24.02 -7.88
N ALA B 195 6.18 23.09 -7.08
CA ALA B 195 6.94 23.43 -5.87
C ALA B 195 8.30 22.79 -5.75
N VAL B 196 8.59 21.80 -6.58
CA VAL B 196 9.84 21.05 -6.48
C VAL B 196 10.62 21.09 -7.80
N GLN B 197 11.92 21.29 -7.68
CA GLN B 197 12.84 21.13 -8.80
C GLN B 197 13.76 19.96 -8.47
N ILE B 198 13.69 18.93 -9.30
CA ILE B 198 14.60 17.79 -9.17
C ILE B 198 15.39 17.71 -10.47
N PRO B 199 16.64 18.20 -10.45
CA PRO B 199 17.42 18.16 -11.66
C PRO B 199 18.05 16.80 -11.92
N ALA B 200 18.02 16.36 -13.18
CA ALA B 200 18.89 15.27 -13.63
C ALA B 200 20.36 15.67 -13.41
N ARG B 201 21.28 14.73 -13.60
CA ARG B 201 22.70 14.89 -13.22
C ARG B 201 23.47 16.04 -13.91
N LEU B 202 24.70 16.27 -13.42
CA LEU B 202 25.72 17.20 -13.95
C LEU B 202 26.16 18.15 -12.84
S SO4 C . 14.44 6.69 11.01
O1 SO4 C . 15.41 7.37 10.17
O2 SO4 C . 14.44 7.33 12.31
O3 SO4 C . 13.10 6.76 10.41
O4 SO4 C . 14.81 5.28 11.16
S SO4 D . 8.16 -15.21 -10.61
O1 SO4 D . 9.08 -14.24 -10.05
O2 SO4 D . 6.81 -14.91 -10.12
O3 SO4 D . 8.12 -15.11 -12.05
O4 SO4 D . 8.60 -16.54 -10.21
S SO4 E . -18.40 -27.51 -18.45
O1 SO4 E . -17.84 -28.72 -17.84
O2 SO4 E . -17.98 -26.35 -17.66
O3 SO4 E . -17.91 -27.36 -19.80
O4 SO4 E . -19.86 -27.57 -18.44
#